data_9RU5
#
_entry.id   9RU5
#
_cell.length_a   1.00
_cell.length_b   1.00
_cell.length_c   1.00
_cell.angle_alpha   90.00
_cell.angle_beta   90.00
_cell.angle_gamma   90.00
#
_symmetry.space_group_name_H-M   'P 1'
#
loop_
_entity.id
_entity.type
_entity.pdbx_description
1 polymer 'TCRpub alpha chain'
2 polymer 'TCRpub beta chain'
3 polymer 'MHC class I antigen'
4 polymer 'ORF3a protein'
#
loop_
_entity_poly.entity_id
_entity_poly.type
_entity_poly.pdbx_seq_one_letter_code
_entity_poly.pdbx_strand_id
1 'polypeptide(L)'
;QSVAQPEDQVNVAEGNPLTVKCTYSVSGNPYLFWYVQYPNRGLQFLLKYITGDNLVKGSYGFEAEFNKSQTSFHLKKPSA
LVSDSALYFCAVRVVTSGGSYIPTFGRGTSLIVHPYIQNPDPAVYQLRDSKSSDKSVCLFTDFDSQTNVSQSKDSDVYIT
DKCVLDMRSMDFKSNSAVAWSNKSDFACANAFNNSIIPEDTFFPSPESS
;
A
2 'polypeptide(L)'
;GVTQTPRYLIKTRGQQVTLSCSPISGHRSVSWYQQTPGQGLQFLFEYFSETQRNKGNFPGRFSGRQFSNSRSEMNVSTLE
LGDSALYLCASSLAGDLGTEAFFGQGTRLTVVEDLKNVFPPEVAVFEPSEAEISHTQKATLVCLATGFYPDHVELSWWVN
GKEVHSGVCTDPQPLKEQPALNDSRYALSSRLRVSATFWQNPRNHFRCQVQFYGLSENDEWTQDRAKPVTQIVSAEAWGR
AD
;
B
3 'polypeptide(L)'
;HSMRYFFTSVSRPGRGEPRFIAVGYVDDTQFVRFDSDAASQKMEPRAPWIEQEGPEYWDQETRNMKAHSQTDRANLGTLR
GYYNQSEDGSHTIQIMYGCDVGPDGRFLRGYRQDAYDGKDYIALNEDLRSWTAADMAAQITKRKWEAVHAAEQRRVYLEG
RCVDGLRRYLENGKETLQRTDPPKTHMTHHPISDHEATLRCWALGFYPAEITLTWQRDGEDQTQDTELVETRPAGDGTFQ
KWAAVVVPSGEEQRYTCHVQHEGLPKPLTLRWELSS
;
M
4 'polypeptide(L)' FTSDYYQLY P
#
# COMPACT_ATOMS: atom_id res chain seq x y z
N VAL A 3 10.80 -6.23 -9.52
CA VAL A 3 10.38 -5.23 -10.50
C VAL A 3 11.35 -4.06 -10.53
N ALA A 4 11.77 -3.68 -11.74
CA ALA A 4 12.63 -2.51 -11.94
C ALA A 4 11.90 -1.55 -12.87
N GLN A 5 11.40 -0.46 -12.32
CA GLN A 5 10.79 0.60 -13.11
C GLN A 5 11.88 1.57 -13.52
N PRO A 6 12.22 1.65 -14.80
CA PRO A 6 13.46 2.35 -15.19
C PRO A 6 13.37 3.86 -15.13
N GLU A 7 12.26 4.45 -15.54
CA GLU A 7 12.16 5.90 -15.68
C GLU A 7 11.55 6.48 -14.41
N ASP A 8 12.37 7.24 -13.65
CA ASP A 8 11.88 7.87 -12.43
C ASP A 8 10.84 8.92 -12.72
N GLN A 9 11.03 9.70 -13.78
CA GLN A 9 10.14 10.80 -14.13
C GLN A 9 9.74 10.66 -15.59
N VAL A 10 8.51 10.19 -15.82
CA VAL A 10 7.98 10.01 -17.17
C VAL A 10 7.18 11.25 -17.54
N ASN A 11 7.44 11.80 -18.71
CA ASN A 11 6.81 13.03 -19.17
C ASN A 11 5.91 12.69 -20.35
N VAL A 12 4.59 12.77 -20.13
CA VAL A 12 3.59 12.43 -21.13
C VAL A 12 2.60 13.58 -21.25
N ALA A 13 2.35 14.03 -22.46
CA ALA A 13 1.39 15.08 -22.72
C ALA A 13 -0.03 14.54 -22.60
N GLU A 14 -1.01 15.45 -22.58
CA GLU A 14 -2.41 15.05 -22.46
C GLU A 14 -2.94 14.51 -23.78
N GLY A 15 -2.87 13.19 -23.96
CA GLY A 15 -3.37 12.58 -25.17
C GLY A 15 -2.30 11.80 -25.91
N ASN A 16 -1.28 11.34 -25.19
CA ASN A 16 -0.16 10.63 -25.80
C ASN A 16 -0.12 9.25 -25.19
N PRO A 17 0.48 8.28 -25.90
CA PRO A 17 0.60 6.93 -25.33
C PRO A 17 1.41 6.91 -24.05
N LEU A 18 0.76 6.59 -22.94
CA LEU A 18 1.46 6.45 -21.67
C LEU A 18 2.46 5.30 -21.78
N THR A 19 3.64 5.48 -21.19
CA THR A 19 4.71 4.52 -21.33
C THR A 19 5.34 4.21 -19.98
N VAL A 20 4.51 3.85 -19.00
CA VAL A 20 5.01 3.60 -17.66
C VAL A 20 5.69 2.24 -17.69
N LYS A 21 6.99 2.25 -17.97
CA LYS A 21 7.73 1.01 -18.20
C LYS A 21 7.85 0.21 -16.90
N CYS A 22 7.48 -1.06 -16.97
CA CYS A 22 7.67 -1.99 -15.87
C CYS A 22 8.42 -3.20 -16.39
N THR A 23 9.50 -3.55 -15.71
CA THR A 23 10.28 -4.74 -16.01
C THR A 23 10.39 -5.58 -14.76
N TYR A 24 10.10 -6.88 -14.88
CA TYR A 24 10.08 -7.79 -13.75
C TYR A 24 11.14 -8.86 -13.93
N SER A 25 11.79 -9.23 -12.83
CA SER A 25 12.81 -10.27 -12.82
C SER A 25 12.46 -11.27 -11.72
N VAL A 26 11.80 -12.37 -12.10
CA VAL A 26 11.37 -13.37 -11.14
C VAL A 26 11.75 -14.75 -11.67
N SER A 27 12.01 -15.66 -10.74
CA SER A 27 12.29 -17.06 -11.09
C SER A 27 11.00 -17.88 -11.04
N GLY A 28 10.00 -17.40 -11.77
CA GLY A 28 8.70 -18.04 -11.76
C GLY A 28 7.74 -17.33 -12.69
N ASN A 29 6.49 -17.78 -12.65
CA ASN A 29 5.48 -17.22 -13.53
C ASN A 29 5.18 -15.76 -13.16
N PRO A 30 4.90 -14.91 -14.14
CA PRO A 30 4.62 -13.50 -13.85
C PRO A 30 3.18 -13.29 -13.41
N TYR A 31 3.00 -13.01 -12.12
CA TYR A 31 1.70 -12.65 -11.55
C TYR A 31 1.76 -11.16 -11.24
N LEU A 32 1.39 -10.36 -12.23
CA LEU A 32 1.73 -8.95 -12.23
C LEU A 32 0.54 -8.12 -11.75
N PHE A 33 0.83 -6.93 -11.25
CA PHE A 33 -0.16 -6.07 -10.61
C PHE A 33 0.24 -4.61 -10.76
N TRP A 34 -0.72 -3.72 -11.01
CA TRP A 34 -0.46 -2.30 -11.09
C TRP A 34 -1.16 -1.60 -9.93
N TYR A 35 -0.42 -0.72 -9.25
CA TYR A 35 -0.93 -0.02 -8.09
C TYR A 35 -0.69 1.46 -8.26
N VAL A 36 -1.77 2.23 -8.33
CA VAL A 36 -1.68 3.69 -8.43
C VAL A 36 -1.77 4.28 -7.03
N GLN A 37 -0.82 5.17 -6.70
CA GLN A 37 -0.79 5.85 -5.42
C GLN A 37 -1.16 7.31 -5.65
N TYR A 38 -2.45 7.59 -5.54
CA TYR A 38 -2.93 8.96 -5.66
C TYR A 38 -2.42 9.78 -4.47
N PRO A 39 -2.16 11.07 -4.66
CA PRO A 39 -1.66 11.89 -3.54
C PRO A 39 -2.66 11.92 -2.39
N ASN A 40 -2.13 11.90 -1.17
CA ASN A 40 -2.90 11.92 0.07
C ASN A 40 -3.78 10.68 0.24
N ARG A 41 -3.47 9.59 -0.45
CA ARG A 41 -4.20 8.34 -0.32
C ARG A 41 -3.20 7.19 -0.30
N GLY A 42 -3.72 5.96 -0.18
CA GLY A 42 -2.92 4.76 -0.27
C GLY A 42 -2.92 4.19 -1.68
N LEU A 43 -2.24 3.06 -1.81
CA LEU A 43 -2.18 2.39 -3.10
C LEU A 43 -3.52 1.75 -3.43
N GLN A 44 -3.99 1.97 -4.65
CA GLN A 44 -5.23 1.38 -5.14
C GLN A 44 -4.93 0.43 -6.29
N PHE A 45 -5.85 -0.50 -6.52
CA PHE A 45 -5.64 -1.55 -7.50
C PHE A 45 -6.03 -1.08 -8.89
N LEU A 46 -5.17 -1.36 -9.87
CA LEU A 46 -5.40 -0.98 -11.25
C LEU A 46 -5.80 -2.15 -12.13
N LEU A 47 -4.95 -3.17 -12.22
CA LEU A 47 -5.17 -4.30 -13.12
C LEU A 47 -4.16 -5.38 -12.79
N LYS A 48 -4.48 -6.61 -13.22
CA LYS A 48 -3.64 -7.75 -12.93
C LYS A 48 -3.59 -8.67 -14.14
N TYR A 49 -2.47 -9.36 -14.29
CA TYR A 49 -2.34 -10.43 -15.27
C TYR A 49 -1.93 -11.70 -14.56
N ILE A 50 -2.85 -12.65 -14.47
CA ILE A 50 -2.58 -13.98 -13.93
C ILE A 50 -2.55 -15.03 -15.04
N THR A 51 -3.68 -15.23 -15.72
CA THR A 51 -3.77 -16.16 -16.83
C THR A 51 -4.72 -15.58 -17.88
N GLY A 52 -4.57 -16.06 -19.10
CA GLY A 52 -5.50 -15.72 -20.17
C GLY A 52 -4.89 -14.73 -21.16
N ASP A 53 -5.65 -13.69 -21.48
CA ASP A 53 -5.25 -12.77 -22.54
C ASP A 53 -4.01 -11.99 -22.17
N ASN A 54 -3.08 -11.86 -23.12
CA ASN A 54 -1.92 -11.01 -22.93
C ASN A 54 -2.33 -9.54 -22.79
N LEU A 55 -3.32 -9.11 -23.58
CA LEU A 55 -3.84 -7.75 -23.49
C LEU A 55 -4.88 -7.70 -22.37
N VAL A 56 -4.51 -7.08 -21.26
CA VAL A 56 -5.38 -6.99 -20.08
C VAL A 56 -5.93 -5.58 -20.01
N LYS A 57 -6.96 -5.41 -19.19
CA LYS A 57 -7.59 -4.13 -18.94
C LYS A 57 -7.85 -3.96 -17.45
N GLY A 58 -7.95 -2.70 -17.02
CA GLY A 58 -8.14 -2.42 -15.62
C GLY A 58 -9.01 -1.21 -15.34
N SER A 59 -8.92 -0.70 -14.12
CA SER A 59 -9.74 0.44 -13.72
C SER A 59 -9.22 1.72 -14.35
N TYR A 60 -10.11 2.72 -14.42
CA TYR A 60 -9.81 4.05 -14.94
C TYR A 60 -9.33 4.03 -16.39
N GLY A 61 -9.71 2.99 -17.15
CA GLY A 61 -9.36 2.91 -18.54
C GLY A 61 -7.97 2.41 -18.85
N PHE A 62 -7.17 2.10 -17.83
CA PHE A 62 -5.80 1.66 -18.06
C PHE A 62 -5.78 0.25 -18.64
N GLU A 63 -4.68 -0.08 -19.31
CA GLU A 63 -4.48 -1.39 -19.89
C GLU A 63 -2.99 -1.70 -19.89
N ALA A 64 -2.68 -2.99 -20.02
CA ALA A 64 -1.29 -3.42 -20.07
C ALA A 64 -1.15 -4.53 -21.10
N GLU A 65 0.06 -4.67 -21.63
CA GLU A 65 0.39 -5.68 -22.61
C GLU A 65 1.53 -6.52 -22.05
N PHE A 66 1.18 -7.63 -21.39
CA PHE A 66 2.20 -8.56 -20.93
C PHE A 66 2.91 -9.15 -22.14
N ASN A 67 4.19 -8.82 -22.31
CA ASN A 67 4.97 -9.25 -23.46
C ASN A 67 6.13 -10.11 -23.00
N LYS A 68 6.18 -11.35 -23.48
CA LYS A 68 7.39 -12.14 -23.35
C LYS A 68 8.47 -11.67 -24.32
N SER A 69 8.09 -10.99 -25.40
CA SER A 69 9.04 -10.45 -26.35
C SER A 69 9.80 -9.25 -25.81
N GLN A 70 9.38 -8.71 -24.65
CA GLN A 70 10.10 -7.63 -24.01
C GLN A 70 10.28 -7.83 -22.52
N THR A 71 9.70 -8.88 -21.93
CA THR A 71 9.71 -9.10 -20.49
C THR A 71 9.22 -7.87 -19.75
N SER A 72 8.16 -7.26 -20.29
CA SER A 72 7.70 -5.97 -19.82
C SER A 72 6.18 -5.98 -19.71
N PHE A 73 5.66 -5.07 -18.90
CA PHE A 73 4.25 -5.04 -18.56
C PHE A 73 3.77 -3.58 -18.60
N HIS A 74 4.10 -2.90 -19.69
CA HIS A 74 3.88 -1.46 -19.81
C HIS A 74 2.41 -1.09 -19.61
N LEU A 75 2.15 -0.29 -18.59
CA LEU A 75 0.84 0.32 -18.40
C LEU A 75 0.63 1.36 -19.50
N LYS A 76 -0.26 1.07 -20.43
CA LYS A 76 -0.54 1.96 -21.54
C LYS A 76 -1.94 2.53 -21.41
N LYS A 77 -2.08 3.80 -21.77
CA LYS A 77 -3.38 4.46 -21.77
C LYS A 77 -3.42 5.46 -22.93
N PRO A 78 -4.23 5.20 -23.96
CA PRO A 78 -4.23 6.09 -25.13
C PRO A 78 -4.60 7.53 -24.81
N SER A 79 -5.51 7.76 -23.86
CA SER A 79 -5.95 9.10 -23.51
C SER A 79 -5.39 9.45 -22.13
N ALA A 80 -4.57 10.49 -22.07
CA ALA A 80 -3.93 10.90 -20.82
C ALA A 80 -4.82 11.90 -20.09
N LEU A 81 -5.00 11.71 -18.80
CA LEU A 81 -5.67 12.68 -17.94
C LEU A 81 -4.68 13.25 -16.94
N VAL A 82 -4.96 14.48 -16.48
CA VAL A 82 -4.13 15.11 -15.47
C VAL A 82 -4.14 14.27 -14.19
N SER A 83 -5.27 13.64 -13.88
CA SER A 83 -5.37 12.80 -12.69
C SER A 83 -4.44 11.61 -12.74
N ASP A 84 -3.91 11.27 -13.92
CA ASP A 84 -2.95 10.18 -14.03
C ASP A 84 -1.60 10.52 -13.40
N SER A 85 -1.39 11.76 -13.00
CA SER A 85 -0.12 12.16 -12.38
C SER A 85 -0.06 11.55 -10.98
N ALA A 86 0.57 10.38 -10.88
CA ALA A 86 0.67 9.68 -9.62
C ALA A 86 1.88 8.75 -9.68
N LEU A 87 2.24 8.20 -8.53
CA LEU A 87 3.37 7.27 -8.41
C LEU A 87 2.83 5.87 -8.65
N TYR A 88 3.17 5.29 -9.81
CA TYR A 88 2.65 3.99 -10.22
C TYR A 88 3.63 2.90 -9.80
N PHE A 89 3.14 1.93 -9.04
CA PHE A 89 3.95 0.82 -8.56
C PHE A 89 3.59 -0.44 -9.34
N CYS A 90 4.60 -1.10 -9.88
CA CYS A 90 4.43 -2.37 -10.57
C CYS A 90 4.80 -3.47 -9.57
N ALA A 91 3.81 -4.15 -9.04
CA ALA A 91 4.00 -5.14 -7.98
C ALA A 91 3.90 -6.54 -8.56
N VAL A 92 4.96 -7.31 -8.44
CA VAL A 92 4.94 -8.73 -8.75
C VAL A 92 4.80 -9.48 -7.43
N ARG A 93 3.74 -10.26 -7.30
CA ARG A 93 3.50 -11.03 -6.08
C ARG A 93 4.23 -12.35 -6.21
N VAL A 94 5.48 -12.38 -5.74
CA VAL A 94 6.23 -13.63 -5.77
C VAL A 94 5.60 -14.61 -4.78
N VAL A 95 4.90 -15.60 -5.32
CA VAL A 95 4.12 -16.53 -4.52
C VAL A 95 5.09 -17.42 -3.75
N THR A 96 5.01 -17.37 -2.42
CA THR A 96 5.81 -18.23 -1.58
C THR A 96 5.47 -19.69 -1.87
N SER A 97 6.45 -20.58 -1.61
CA SER A 97 6.20 -22.01 -1.80
C SER A 97 4.95 -22.44 -1.06
N GLY A 98 4.71 -21.89 0.12
CA GLY A 98 3.51 -22.22 0.86
C GLY A 98 2.24 -21.86 0.12
N GLY A 99 2.24 -20.69 -0.51
CA GLY A 99 1.08 -20.26 -1.26
C GLY A 99 0.59 -18.89 -0.86
N SER A 100 1.41 -18.16 -0.11
CA SER A 100 1.09 -16.80 0.30
C SER A 100 1.89 -15.81 -0.54
N TYR A 101 1.21 -14.79 -1.02
CA TYR A 101 1.84 -13.79 -1.89
C TYR A 101 2.67 -12.82 -1.08
N ILE A 102 3.96 -12.72 -1.42
CA ILE A 102 4.83 -11.67 -0.85
C ILE A 102 4.94 -10.58 -1.90
N PRO A 103 4.32 -9.42 -1.70
CA PRO A 103 4.33 -8.38 -2.74
C PRO A 103 5.64 -7.60 -2.75
N THR A 104 6.35 -7.67 -3.87
CA THR A 104 7.59 -6.91 -4.07
C THR A 104 7.32 -5.85 -5.13
N PHE A 105 7.45 -4.59 -4.75
CA PHE A 105 7.13 -3.46 -5.60
C PHE A 105 8.40 -2.90 -6.24
N GLY A 106 8.20 -2.01 -7.21
CA GLY A 106 9.29 -1.28 -7.80
C GLY A 106 9.69 -0.09 -6.95
N ARG A 107 10.62 0.71 -7.50
CA ARG A 107 11.10 1.90 -6.83
C ARG A 107 10.21 3.12 -7.07
N GLY A 108 9.14 2.94 -7.84
CA GLY A 108 8.20 4.02 -8.07
C GLY A 108 8.48 4.85 -9.31
N THR A 109 7.51 4.94 -10.19
CA THR A 109 7.58 5.78 -11.38
C THR A 109 6.73 7.02 -11.17
N SER A 110 7.36 8.19 -11.21
CA SER A 110 6.68 9.46 -11.00
C SER A 110 6.20 9.95 -12.35
N LEU A 111 5.07 9.43 -12.81
CA LEU A 111 4.44 9.89 -14.04
C LEU A 111 3.81 11.25 -13.78
N ILE A 112 4.36 12.29 -14.41
CA ILE A 112 3.96 13.66 -14.10
C ILE A 112 2.76 14.05 -14.95
N VAL A 113 2.57 13.36 -16.08
CA VAL A 113 1.56 13.71 -17.08
C VAL A 113 1.55 15.22 -17.29
N HIS A 114 2.57 15.72 -17.97
CA HIS A 114 2.63 17.16 -18.21
C HIS A 114 1.43 17.59 -19.04
N PRO A 115 0.68 18.58 -18.59
CA PRO A 115 -0.50 19.03 -19.32
C PRO A 115 -0.12 19.71 -20.63
N TYR A 116 -1.06 19.64 -21.57
CA TYR A 116 -0.93 20.34 -22.85
C TYR A 116 -1.70 21.65 -22.73
N ILE A 117 -0.98 22.73 -22.44
CA ILE A 117 -1.60 24.03 -22.23
C ILE A 117 -1.93 24.62 -23.60
N GLN A 118 -3.22 24.87 -23.83
CA GLN A 118 -3.66 25.28 -25.16
C GLN A 118 -3.14 26.67 -25.52
N ASN A 119 -3.32 27.64 -24.62
CA ASN A 119 -2.92 29.02 -24.86
C ASN A 119 -2.13 29.53 -23.65
N PRO A 120 -0.85 29.19 -23.57
CA PRO A 120 -0.03 29.73 -22.49
C PRO A 120 0.11 31.25 -22.60
N ASP A 121 0.14 31.90 -21.44
CA ASP A 121 0.36 33.34 -21.39
C ASP A 121 1.15 33.67 -20.12
N PRO A 122 2.42 33.29 -20.06
CA PRO A 122 3.15 33.32 -18.78
C PRO A 122 3.22 34.72 -18.18
N ALA A 123 3.09 34.77 -16.86
CA ALA A 123 3.18 36.02 -16.12
C ALA A 123 3.75 35.73 -14.74
N VAL A 124 4.38 36.74 -14.16
CA VAL A 124 4.95 36.65 -12.82
C VAL A 124 4.39 37.82 -12.02
N TYR A 125 3.34 37.57 -11.25
CA TYR A 125 2.72 38.57 -10.40
C TYR A 125 2.91 38.22 -8.93
N GLN A 126 3.17 39.24 -8.12
CA GLN A 126 3.49 39.08 -6.71
C GLN A 126 2.24 39.10 -5.85
N LEU A 127 2.24 38.26 -4.82
CA LEU A 127 1.17 38.19 -3.84
C LEU A 127 1.68 38.65 -2.50
N ARG A 128 0.96 39.55 -1.85
CA ARG A 128 1.35 40.13 -0.57
C ARG A 128 0.61 39.44 0.57
N ASP A 129 1.07 39.70 1.79
CA ASP A 129 0.56 39.02 2.97
C ASP A 129 -0.77 39.62 3.39
N SER A 130 -1.30 39.18 4.54
CA SER A 130 -2.58 39.65 5.04
C SER A 130 -2.48 40.98 5.78
N LYS A 131 -1.27 41.48 6.01
CA LYS A 131 -1.09 42.80 6.61
C LYS A 131 -0.60 43.79 5.57
N LYS A 135 8.35 38.83 4.69
CA LYS A 135 8.36 37.83 3.65
C LYS A 135 7.30 38.10 2.59
N SER A 136 7.63 37.81 1.33
CA SER A 136 6.67 37.90 0.24
C SER A 136 7.07 36.89 -0.83
N VAL A 137 6.07 36.34 -1.51
CA VAL A 137 6.28 35.31 -2.52
C VAL A 137 6.13 35.92 -3.91
N CYS A 138 6.86 35.35 -4.86
CA CYS A 138 6.71 35.66 -6.27
C CYS A 138 6.32 34.38 -7.00
N LEU A 139 5.30 34.47 -7.84
CA LEU A 139 4.68 33.31 -8.45
C LEU A 139 4.96 33.31 -9.95
N PHE A 140 5.45 32.17 -10.45
CA PHE A 140 5.66 31.95 -11.88
C PHE A 140 4.62 30.94 -12.34
N THR A 141 3.85 31.31 -13.36
CA THR A 141 2.65 30.56 -13.70
C THR A 141 2.31 30.68 -15.18
N ASP A 142 1.40 29.81 -15.63
CA ASP A 142 0.81 29.86 -16.97
C ASP A 142 1.86 29.71 -18.07
N PHE A 143 2.81 28.81 -17.87
CA PHE A 143 3.85 28.52 -18.86
C PHE A 143 3.71 27.10 -19.37
N ASP A 144 4.19 26.89 -20.60
CA ASP A 144 4.10 25.59 -21.23
C ASP A 144 5.01 24.59 -20.52
N SER A 145 4.71 23.31 -20.71
CA SER A 145 5.43 22.24 -20.04
C SER A 145 6.88 22.12 -20.49
N GLN A 146 7.27 22.77 -21.59
CA GLN A 146 8.64 22.67 -22.08
C GLN A 146 9.63 23.34 -21.14
N THR A 147 9.19 24.32 -20.36
CA THR A 147 10.10 25.04 -19.47
C THR A 147 10.53 24.15 -18.30
N ASN A 148 11.82 24.21 -17.97
CA ASN A 148 12.39 23.49 -16.84
C ASN A 148 12.87 24.53 -15.82
N VAL A 149 12.52 24.33 -14.55
CA VAL A 149 12.83 25.28 -13.49
C VAL A 149 13.90 24.69 -12.59
N SER A 150 14.89 25.53 -12.24
CA SER A 150 15.97 25.14 -11.35
C SER A 150 15.93 25.99 -10.09
N GLN A 151 16.60 25.50 -9.05
CA GLN A 151 16.58 26.13 -7.73
C GLN A 151 17.38 27.42 -7.77
N SER A 152 17.42 28.13 -6.65
CA SER A 152 18.02 29.46 -6.57
C SER A 152 19.41 29.36 -5.96
N LYS A 153 20.07 30.51 -5.82
CA LYS A 153 21.43 30.56 -5.30
C LYS A 153 21.36 30.94 -3.83
N ASP A 154 20.79 32.08 -3.47
CA ASP A 154 20.75 32.52 -2.09
C ASP A 154 19.83 31.63 -1.25
N SER A 155 20.27 31.34 -0.03
CA SER A 155 19.45 30.58 0.91
C SER A 155 18.22 31.35 1.37
N ASP A 156 18.21 32.68 1.24
CA ASP A 156 17.03 33.45 1.57
C ASP A 156 15.96 33.31 0.50
N VAL A 157 16.37 33.05 -0.75
CA VAL A 157 15.45 32.97 -1.87
C VAL A 157 15.01 31.53 -2.05
N TYR A 158 13.71 31.29 -2.04
CA TYR A 158 13.14 29.96 -2.23
C TYR A 158 12.29 29.92 -3.50
N ILE A 159 12.37 28.79 -4.20
CA ILE A 159 11.64 28.58 -5.44
C ILE A 159 10.74 27.36 -5.26
N THR A 160 9.44 27.53 -5.54
CA THR A 160 8.46 26.47 -5.42
C THR A 160 8.25 25.80 -6.76
N ASP A 161 8.11 24.48 -6.73
CA ASP A 161 7.96 23.71 -7.95
C ASP A 161 6.65 24.03 -8.65
N LYS A 162 6.67 23.93 -9.99
CA LYS A 162 5.45 24.09 -10.77
C LYS A 162 4.41 23.07 -10.34
N CYS A 163 3.16 23.53 -10.23
CA CYS A 163 2.07 22.70 -9.73
C CYS A 163 0.95 22.70 -10.76
N VAL A 164 0.47 21.51 -11.11
CA VAL A 164 -0.53 21.36 -12.18
C VAL A 164 -1.89 21.40 -11.51
N LEU A 165 -2.45 22.60 -11.42
CA LEU A 165 -3.80 22.76 -10.87
C LEU A 165 -4.82 22.52 -11.97
N ASP A 166 -5.92 21.84 -11.61
CA ASP A 166 -6.90 21.35 -12.58
C ASP A 166 -8.23 22.07 -12.35
N MET A 167 -8.59 22.93 -13.30
CA MET A 167 -9.91 23.55 -13.33
C MET A 167 -10.89 22.56 -13.95
N ARG A 168 -11.17 21.48 -13.21
CA ARG A 168 -12.10 20.47 -13.72
C ARG A 168 -13.50 21.04 -13.93
N SER A 169 -13.87 22.07 -13.17
CA SER A 169 -15.12 22.77 -13.43
C SER A 169 -15.04 23.60 -14.70
N MET A 170 -13.84 23.91 -15.19
CA MET A 170 -13.65 24.71 -16.39
C MET A 170 -12.86 23.98 -17.46
N ASP A 171 -12.39 22.76 -17.22
CA ASP A 171 -11.55 22.01 -18.15
C ASP A 171 -10.32 22.82 -18.54
N PHE A 172 -9.68 23.43 -17.54
CA PHE A 172 -8.54 24.29 -17.74
C PHE A 172 -7.41 23.86 -16.81
N LYS A 173 -6.18 24.09 -17.26
CA LYS A 173 -4.99 23.69 -16.51
C LYS A 173 -3.97 24.83 -16.53
N SER A 174 -3.06 24.79 -15.55
CA SER A 174 -1.94 25.72 -15.51
C SER A 174 -0.90 25.16 -14.56
N ASN A 175 0.37 25.27 -14.96
CA ASN A 175 1.47 24.84 -14.10
C ASN A 175 1.81 25.91 -13.08
N TRP A 180 10.75 32.83 -2.55
CA TRP A 180 10.35 33.99 -1.75
C TRP A 180 11.46 34.40 -0.78
N SER A 181 11.34 35.60 -0.22
CA SER A 181 12.34 36.10 0.71
C SER A 181 11.72 37.19 1.57
N ASN A 182 12.37 37.45 2.70
CA ASN A 182 12.02 38.57 3.57
C ASN A 182 12.98 39.74 3.37
N LYS A 183 13.91 39.63 2.43
CA LYS A 183 14.89 40.67 2.19
C LYS A 183 14.24 41.92 1.62
N ASP A 185 15.30 44.10 -0.43
CA ASP A 185 15.92 44.41 -1.71
C ASP A 185 15.58 43.38 -2.77
N PHE A 186 15.08 42.23 -2.32
CA PHE A 186 14.68 41.16 -3.24
C PHE A 186 13.52 41.61 -4.10
N ALA A 187 13.62 41.35 -5.40
CA ALA A 187 12.61 41.78 -6.37
C ALA A 187 12.07 40.56 -7.10
N CYS A 188 10.76 40.56 -7.37
CA CYS A 188 10.15 39.45 -8.08
C CYS A 188 10.59 39.38 -9.54
N ALA A 189 11.23 40.43 -10.05
CA ALA A 189 11.82 40.38 -11.38
C ALA A 189 13.07 39.52 -11.43
N ASN A 190 13.45 38.89 -10.33
CA ASN A 190 14.66 38.09 -10.25
C ASN A 190 14.31 36.68 -9.79
N ALA A 191 15.31 35.89 -9.43
CA ALA A 191 15.15 34.47 -9.12
C ALA A 191 14.64 33.74 -10.35
N PHE A 192 15.07 34.20 -11.52
CA PHE A 192 14.73 33.54 -12.79
C PHE A 192 15.92 33.31 -13.71
N ASN A 193 17.12 33.80 -13.36
CA ASN A 193 18.31 33.45 -14.13
C ASN A 193 18.74 32.02 -13.87
N ASN A 194 18.10 31.35 -12.91
CA ASN A 194 18.49 30.01 -12.51
C ASN A 194 18.40 29.01 -13.67
N SER A 195 17.31 29.07 -14.44
CA SER A 195 17.10 28.12 -15.52
C SER A 195 16.48 28.79 -16.74
N ILE A 196 16.01 27.98 -17.69
CA ILE A 196 15.40 28.48 -18.90
C ILE A 196 14.05 29.11 -18.54
N ILE A 197 13.77 30.28 -19.12
CA ILE A 197 12.52 30.99 -18.88
C ILE A 197 11.90 31.36 -20.22
N PRO A 198 10.57 31.37 -20.35
CA PRO A 198 9.97 31.90 -21.57
C PRO A 198 10.25 33.39 -21.75
N GLU A 199 10.80 33.76 -22.91
CA GLU A 199 11.18 35.15 -23.16
C GLU A 199 10.00 36.10 -23.15
N ASP A 200 8.78 35.58 -23.31
CA ASP A 200 7.57 36.40 -23.32
C ASP A 200 6.89 36.43 -21.95
N THR A 201 7.61 36.04 -20.89
CA THR A 201 7.04 36.05 -19.55
C THR A 201 6.71 37.47 -19.12
N PHE A 202 5.53 37.65 -18.52
CA PHE A 202 5.05 38.96 -18.12
C PHE A 202 5.51 39.25 -16.70
N PHE A 203 6.31 40.31 -16.53
CA PHE A 203 6.81 40.72 -15.23
C PHE A 203 6.27 42.10 -14.88
N PRO A 204 5.15 42.21 -14.18
CA PRO A 204 4.79 43.49 -13.55
C PRO A 204 5.82 43.86 -12.50
N SER A 205 6.52 44.97 -12.73
CA SER A 205 7.59 45.42 -11.85
C SER A 205 7.07 45.76 -10.45
N GLY B 1 -12.88 1.14 4.04
CA GLY B 1 -11.47 0.88 3.86
C GLY B 1 -10.78 0.41 5.13
N VAL B 2 -9.48 0.15 5.05
CA VAL B 2 -8.70 -0.28 6.20
C VAL B 2 -8.41 0.94 7.06
N THR B 3 -9.19 1.13 8.12
CA THR B 3 -9.01 2.28 9.01
C THR B 3 -7.75 2.08 9.85
N GLN B 4 -6.93 3.12 9.94
CA GLN B 4 -5.65 3.01 10.61
C GLN B 4 -5.49 4.14 11.63
N THR B 5 -4.94 3.79 12.78
CA THR B 5 -4.63 4.74 13.84
C THR B 5 -3.30 4.34 14.45
N PRO B 6 -2.46 5.32 14.85
CA PRO B 6 -2.66 6.76 14.67
C PRO B 6 -2.39 7.19 13.24
N ARG B 7 -2.99 8.30 12.81
CA ARG B 7 -2.83 8.72 11.41
C ARG B 7 -1.42 9.27 11.16
N TYR B 8 -0.93 10.12 12.06
CA TYR B 8 0.41 10.68 11.95
C TYR B 8 0.97 10.89 13.35
N LEU B 9 2.28 10.68 13.49
CA LEU B 9 2.89 10.62 14.81
C LEU B 9 4.34 11.07 14.76
N ILE B 10 4.80 11.66 15.87
CA ILE B 10 6.19 12.09 16.04
C ILE B 10 6.69 11.57 17.38
N LYS B 11 7.92 11.07 17.40
CA LYS B 11 8.57 10.64 18.63
C LYS B 11 10.04 11.01 18.56
N THR B 12 10.81 10.58 19.56
CA THR B 12 12.23 10.81 19.64
C THR B 12 12.98 9.48 19.58
N ARG B 13 14.30 9.54 19.73
CA ARG B 13 15.12 8.34 19.62
C ARG B 13 14.99 7.51 20.90
N GLY B 14 14.70 6.22 20.73
CA GLY B 14 14.56 5.31 21.84
C GLY B 14 13.16 5.19 22.41
N GLN B 15 12.21 6.01 21.93
CA GLN B 15 10.86 5.98 22.46
C GLN B 15 10.02 4.94 21.73
N GLN B 16 9.04 4.40 22.44
CA GLN B 16 8.21 3.32 21.94
C GLN B 16 6.91 3.86 21.36
N VAL B 17 6.51 3.33 20.21
CA VAL B 17 5.29 3.71 19.52
C VAL B 17 4.52 2.43 19.23
N THR B 18 3.19 2.56 19.07
CA THR B 18 2.34 1.44 18.71
C THR B 18 1.29 1.92 17.70
N LEU B 19 1.25 1.27 16.55
CA LEU B 19 0.31 1.58 15.49
C LEU B 19 -0.73 0.46 15.38
N SER B 20 -1.96 0.84 15.03
CA SER B 20 -3.07 -0.09 14.98
C SER B 20 -3.63 -0.17 13.56
N CYS B 21 -4.04 -1.38 13.17
CA CYS B 21 -4.63 -1.62 11.86
C CYS B 21 -5.81 -2.56 12.01
N SER B 22 -6.93 -2.20 11.38
CA SER B 22 -8.12 -3.05 11.34
C SER B 22 -8.49 -3.33 9.90
N PRO B 23 -8.53 -4.58 9.47
CA PRO B 23 -8.82 -4.87 8.05
C PRO B 23 -10.29 -4.68 7.70
N ILE B 24 -10.63 -4.96 6.43
CA ILE B 24 -12.00 -4.84 5.99
C ILE B 24 -12.88 -5.85 6.73
N SER B 25 -14.17 -5.56 6.83
CA SER B 25 -15.12 -6.45 7.46
C SER B 25 -15.11 -7.81 6.77
N GLY B 26 -14.65 -8.84 7.47
CA GLY B 26 -14.54 -10.18 6.93
C GLY B 26 -13.16 -10.54 6.45
N HIS B 27 -12.29 -9.57 6.22
CA HIS B 27 -10.92 -9.84 5.82
C HIS B 27 -10.14 -10.41 7.00
N ARG B 28 -9.37 -11.46 6.75
CA ARG B 28 -8.63 -12.14 7.81
C ARG B 28 -7.13 -12.20 7.55
N SER B 29 -6.63 -11.51 6.53
CA SER B 29 -5.20 -11.43 6.26
C SER B 29 -4.77 -9.97 6.28
N VAL B 30 -3.61 -9.71 6.90
CA VAL B 30 -3.13 -8.35 7.10
C VAL B 30 -1.63 -8.30 6.79
N SER B 31 -1.23 -7.34 5.96
CA SER B 31 0.16 -7.08 5.62
C SER B 31 0.57 -5.72 6.14
N TRP B 32 1.87 -5.53 6.38
CA TRP B 32 2.42 -4.27 6.84
C TRP B 32 3.48 -3.78 5.87
N TYR B 33 3.45 -2.47 5.58
CA TYR B 33 4.36 -1.86 4.63
C TYR B 33 4.99 -0.62 5.25
N GLN B 34 6.18 -0.27 4.75
CA GLN B 34 6.86 0.96 5.12
C GLN B 34 7.32 1.66 3.85
N GLN B 35 6.96 2.93 3.71
CA GLN B 35 7.26 3.70 2.50
C GLN B 35 8.32 4.75 2.82
N THR B 36 9.56 4.47 2.44
CA THR B 36 10.64 5.44 2.54
C THR B 36 10.79 6.18 1.21
N PRO B 37 10.97 7.50 1.24
CA PRO B 37 11.24 8.22 0.00
C PRO B 37 12.39 7.65 -0.80
N GLY B 38 13.44 7.15 -0.15
CA GLY B 38 14.60 6.64 -0.85
C GLY B 38 14.47 5.23 -1.36
N GLN B 39 14.10 4.29 -0.48
CA GLN B 39 14.03 2.88 -0.83
C GLN B 39 12.67 2.43 -1.32
N GLY B 40 11.69 3.34 -1.42
CA GLY B 40 10.39 2.97 -1.90
C GLY B 40 9.52 2.33 -0.84
N LEU B 41 8.66 1.42 -1.30
CA LEU B 41 7.73 0.71 -0.41
C LEU B 41 8.33 -0.64 -0.03
N GLN B 42 8.67 -0.80 1.25
CA GLN B 42 9.24 -2.04 1.75
C GLN B 42 8.20 -2.85 2.51
N PHE B 43 8.24 -4.17 2.32
CA PHE B 43 7.38 -5.07 3.07
C PHE B 43 7.91 -5.26 4.48
N LEU B 44 7.02 -5.12 5.47
CA LEU B 44 7.41 -5.33 6.87
C LEU B 44 7.11 -6.76 7.31
N PHE B 45 5.82 -7.13 7.34
CA PHE B 45 5.38 -8.43 7.82
C PHE B 45 3.87 -8.59 7.64
N GLU B 46 3.42 -9.84 7.44
CA GLU B 46 2.04 -10.13 7.09
C GLU B 46 1.46 -11.10 8.11
N TYR B 47 0.26 -10.79 8.62
CA TYR B 47 -0.44 -11.64 9.57
C TYR B 47 -1.74 -12.16 8.96
N PHE B 48 -2.16 -13.33 9.46
CA PHE B 48 -3.36 -13.98 8.95
C PHE B 48 -3.99 -14.77 10.08
N SER B 49 -4.98 -14.17 10.76
CA SER B 49 -5.73 -14.81 11.84
C SER B 49 -4.80 -15.34 12.93
N GLU B 50 -4.14 -14.40 13.62
CA GLU B 50 -3.21 -14.66 14.71
C GLU B 50 -1.96 -15.41 14.26
N THR B 51 -1.59 -15.30 12.99
CA THR B 51 -0.44 -16.01 12.44
C THR B 51 0.31 -15.07 11.50
N GLN B 52 1.54 -14.73 11.88
CA GLN B 52 2.43 -13.98 11.00
C GLN B 52 2.94 -14.93 9.92
N ARG B 53 2.44 -14.78 8.70
CA ARG B 53 2.76 -15.71 7.62
C ARG B 53 4.03 -15.30 6.88
N ASN B 54 4.21 -14.01 6.63
CA ASN B 54 5.37 -13.52 5.91
C ASN B 54 5.92 -12.29 6.62
N LYS B 55 7.21 -12.04 6.43
CA LYS B 55 7.89 -10.90 7.03
C LYS B 55 8.92 -10.37 6.06
N GLY B 56 9.18 -9.06 6.15
CA GLY B 56 10.15 -8.40 5.31
C GLY B 56 11.52 -8.31 5.93
N ASN B 57 12.33 -7.37 5.41
CA ASN B 57 13.70 -7.20 5.86
C ASN B 57 13.79 -5.92 6.70
N PHE B 58 13.54 -6.07 7.99
CA PHE B 58 13.62 -4.98 8.95
C PHE B 58 14.29 -5.49 10.22
N PRO B 59 14.87 -4.60 11.02
CA PRO B 59 15.56 -5.04 12.25
C PRO B 59 14.60 -5.68 13.24
N GLY B 60 15.19 -6.24 14.29
CA GLY B 60 14.42 -6.96 15.31
C GLY B 60 13.54 -6.09 16.16
N ARG B 61 13.65 -4.77 16.07
CA ARG B 61 12.86 -3.86 16.87
C ARG B 61 11.53 -3.51 16.22
N PHE B 62 11.22 -4.07 15.06
CA PHE B 62 9.92 -3.93 14.44
C PHE B 62 9.11 -5.18 14.74
N SER B 63 8.02 -5.01 15.48
CA SER B 63 7.21 -6.15 15.91
C SER B 63 5.73 -5.84 15.68
N GLY B 64 4.96 -6.91 15.50
CA GLY B 64 3.53 -6.80 15.33
C GLY B 64 2.84 -8.05 15.80
N ARG B 65 1.53 -7.92 16.01
CA ARG B 65 0.73 -9.06 16.43
C ARG B 65 -0.72 -8.81 16.07
N GLN B 66 -1.43 -9.90 15.75
CA GLN B 66 -2.84 -9.83 15.35
C GLN B 66 -3.68 -10.63 16.34
N PHE B 67 -4.78 -10.04 16.78
CA PHE B 67 -5.66 -10.69 17.74
C PHE B 67 -6.61 -11.64 17.01
N SER B 68 -7.59 -12.18 17.75
CA SER B 68 -8.49 -13.17 17.18
C SER B 68 -9.44 -12.55 16.16
N ASN B 69 -9.81 -11.28 16.36
CA ASN B 69 -10.78 -10.62 15.48
C ASN B 69 -10.12 -9.97 14.27
N SER B 70 -8.95 -10.47 13.87
CA SER B 70 -8.17 -10.03 12.70
C SER B 70 -7.55 -8.65 12.89
N ARG B 71 -7.82 -7.96 14.00
CA ARG B 71 -7.16 -6.69 14.26
C ARG B 71 -5.69 -6.92 14.57
N SER B 72 -4.83 -6.13 13.94
CA SER B 72 -3.40 -6.24 14.09
C SER B 72 -2.82 -4.94 14.60
N GLU B 73 -1.71 -5.03 15.32
CA GLU B 73 -1.03 -3.87 15.88
C GLU B 73 0.45 -3.93 15.54
N MET B 74 1.04 -2.77 15.30
CA MET B 74 2.46 -2.65 15.05
C MET B 74 3.09 -1.70 16.06
N ASN B 75 4.22 -2.11 16.63
CA ASN B 75 4.93 -1.29 17.61
C ASN B 75 6.41 -1.26 17.30
N VAL B 76 7.04 -0.11 17.58
CA VAL B 76 8.47 0.09 17.42
C VAL B 76 9.02 0.70 18.70
N SER B 77 10.13 0.16 19.19
CA SER B 77 10.62 0.49 20.52
C SER B 77 11.87 1.36 20.48
N THR B 78 12.93 0.93 19.80
CA THR B 78 14.17 1.71 19.72
C THR B 78 14.18 2.42 18.38
N LEU B 79 13.97 3.73 18.40
CA LEU B 79 13.78 4.50 17.18
C LEU B 79 15.12 5.03 16.68
N GLU B 80 15.56 4.55 15.52
CA GLU B 80 16.73 5.07 14.85
C GLU B 80 16.30 6.02 13.73
N LEU B 81 17.27 6.75 13.17
CA LEU B 81 16.95 7.78 12.17
C LEU B 81 16.36 7.19 10.91
N GLY B 82 16.59 5.91 10.63
CA GLY B 82 16.05 5.28 9.45
C GLY B 82 14.60 4.88 9.58
N ASP B 83 14.01 5.16 10.74
CA ASP B 83 12.61 4.83 11.01
C ASP B 83 11.66 5.92 10.59
N SER B 84 12.13 6.90 9.82
CA SER B 84 11.29 8.01 9.36
C SER B 84 10.68 7.64 8.02
N ALA B 85 9.42 7.22 8.03
CA ALA B 85 8.75 6.78 6.81
C ALA B 85 7.25 6.66 7.08
N LEU B 86 6.51 6.29 6.04
CA LEU B 86 5.07 6.08 6.10
C LEU B 86 4.79 4.59 6.19
N TYR B 87 4.00 4.20 7.20
CA TYR B 87 3.77 2.79 7.50
C TYR B 87 2.38 2.39 7.04
N LEU B 88 2.32 1.45 6.10
CA LEU B 88 1.07 1.04 5.46
C LEU B 88 0.66 -0.35 5.93
N CYS B 89 -0.66 -0.56 5.98
CA CYS B 89 -1.25 -1.84 6.30
C CYS B 89 -2.16 -2.30 5.17
N ALA B 90 -2.23 -3.60 4.96
CA ALA B 90 -2.99 -4.18 3.86
C ALA B 90 -3.96 -5.22 4.38
N SER B 91 -4.94 -5.58 3.55
CA SER B 91 -5.92 -6.60 3.86
C SER B 91 -6.08 -7.57 2.68
N SER B 92 -6.77 -8.69 2.92
CA SER B 92 -7.08 -9.67 1.90
C SER B 92 -8.15 -10.62 2.41
N LEU B 93 -8.47 -11.67 1.66
CA LEU B 93 -9.46 -12.62 2.12
C LEU B 93 -8.77 -13.79 2.80
N ALA B 94 -7.88 -14.45 2.07
CA ALA B 94 -7.04 -15.49 2.63
C ALA B 94 -5.62 -15.46 2.09
N GLY B 95 -5.24 -14.41 1.37
CA GLY B 95 -3.97 -14.37 0.68
C GLY B 95 -4.12 -14.89 -0.73
N ASP B 96 -5.28 -14.64 -1.34
CA ASP B 96 -5.57 -15.08 -2.69
C ASP B 96 -4.77 -14.25 -3.68
N LEU B 97 -4.34 -14.87 -4.77
CA LEU B 97 -3.60 -14.16 -5.80
C LEU B 97 -4.46 -13.14 -6.53
N GLY B 98 -5.78 -13.33 -6.53
CA GLY B 98 -6.66 -12.44 -7.27
C GLY B 98 -7.66 -11.71 -6.40
N THR B 99 -7.47 -11.75 -5.09
CA THR B 99 -8.37 -11.05 -4.17
C THR B 99 -8.04 -9.57 -4.04
N GLU B 100 -7.17 -9.04 -4.90
CA GLU B 100 -6.72 -7.65 -4.84
C GLU B 100 -5.96 -7.47 -3.52
N ALA B 101 -5.71 -6.23 -3.11
CA ALA B 101 -5.12 -5.96 -1.82
C ALA B 101 -5.48 -4.55 -1.37
N PHE B 102 -6.43 -4.44 -0.45
CA PHE B 102 -6.87 -3.12 0.00
C PHE B 102 -5.87 -2.54 0.97
N PHE B 103 -5.15 -1.49 0.55
CA PHE B 103 -4.18 -0.84 1.39
C PHE B 103 -4.83 0.32 2.14
N GLY B 104 -4.24 0.66 3.28
CA GLY B 104 -4.71 1.78 4.09
C GLY B 104 -4.11 3.09 3.62
N GLN B 105 -4.42 4.14 4.38
CA GLN B 105 -3.87 5.45 4.12
C GLN B 105 -2.50 5.66 4.75
N GLY B 106 -2.05 4.71 5.58
CA GLY B 106 -0.72 4.76 6.14
C GLY B 106 -0.60 5.63 7.38
N THR B 107 0.50 5.42 8.08
CA THR B 107 0.91 6.28 9.19
C THR B 107 2.36 6.68 8.96
N ARG B 108 2.61 7.99 8.91
CA ARG B 108 3.95 8.51 8.66
C ARG B 108 4.60 8.89 9.98
N LEU B 109 5.82 8.42 10.18
CA LEU B 109 6.58 8.63 11.40
C LEU B 109 7.90 9.30 11.05
N THR B 110 8.38 10.16 11.94
CA THR B 110 9.71 10.75 11.83
C THR B 110 10.28 10.89 13.23
N VAL B 111 11.55 10.57 13.39
CA VAL B 111 12.20 10.49 14.69
C VAL B 111 13.12 11.70 14.85
N VAL B 112 12.70 12.64 15.68
CA VAL B 112 13.53 13.78 16.02
C VAL B 112 14.57 13.34 17.04
N GLU B 113 15.83 13.74 16.82
CA GLU B 113 16.87 13.36 17.77
C GLU B 113 16.75 14.16 19.07
N ASP B 114 16.21 15.38 18.99
CA ASP B 114 15.98 16.20 20.17
C ASP B 114 14.61 16.81 20.05
N LEU B 115 13.94 16.97 21.20
CA LEU B 115 12.59 17.52 21.21
C LEU B 115 12.56 18.98 20.77
N LYS B 116 13.67 19.70 20.88
CA LYS B 116 13.67 21.14 20.65
C LYS B 116 13.44 21.51 19.19
N ASN B 117 13.60 20.56 18.27
CA ASN B 117 13.45 20.86 16.85
C ASN B 117 12.01 20.77 16.37
N VAL B 118 11.09 20.30 17.19
CA VAL B 118 9.69 20.21 16.81
C VAL B 118 9.04 21.57 17.01
N PHE B 119 8.43 22.10 15.97
CA PHE B 119 7.84 23.43 16.01
C PHE B 119 6.45 23.38 15.39
N PRO B 120 5.57 24.30 15.77
CA PRO B 120 4.29 24.43 15.09
C PRO B 120 4.46 25.27 13.84
N PRO B 121 3.76 24.92 12.76
CA PRO B 121 3.92 25.67 11.51
C PRO B 121 3.40 27.09 11.63
N GLU B 122 4.07 28.01 10.97
CA GLU B 122 3.62 29.38 10.83
C GLU B 122 2.98 29.51 9.45
N VAL B 123 1.67 29.67 9.43
CA VAL B 123 0.89 29.54 8.20
C VAL B 123 0.23 30.89 7.90
N ALA B 124 0.47 31.38 6.69
CA ALA B 124 -0.15 32.62 6.22
C ALA B 124 -0.60 32.43 4.78
N VAL B 125 -1.69 33.11 4.42
CA VAL B 125 -2.27 33.02 3.08
C VAL B 125 -2.13 34.37 2.40
N PHE B 126 -1.64 34.36 1.17
CA PHE B 126 -1.35 35.57 0.42
C PHE B 126 -2.47 35.82 -0.58
N GLU B 127 -3.10 36.99 -0.48
CA GLU B 127 -4.23 37.33 -1.34
C GLU B 127 -3.77 37.45 -2.79
N PRO B 128 -4.64 37.11 -3.74
CA PRO B 128 -4.24 37.17 -5.16
C PRO B 128 -4.01 38.60 -5.61
N SER B 129 -3.08 38.73 -6.56
CA SER B 129 -2.79 40.03 -7.14
C SER B 129 -3.87 40.45 -8.14
N GLU B 130 -4.00 41.76 -8.34
CA GLU B 130 -4.86 42.27 -9.39
C GLU B 130 -4.25 42.06 -10.77
N ALA B 131 -2.94 41.82 -10.84
CA ALA B 131 -2.30 41.53 -12.12
C ALA B 131 -2.85 40.23 -12.72
N GLU B 132 -3.04 39.22 -11.88
CA GLU B 132 -3.66 37.97 -12.34
C GLU B 132 -5.09 38.21 -12.81
N ILE B 133 -5.83 39.05 -12.09
CA ILE B 133 -7.22 39.34 -12.47
C ILE B 133 -7.26 40.03 -13.83
N SER B 134 -6.33 40.94 -14.08
CA SER B 134 -6.28 41.59 -15.39
C SER B 134 -5.72 40.68 -16.47
N HIS B 135 -4.89 39.70 -16.11
CA HIS B 135 -4.24 38.84 -17.09
C HIS B 135 -5.15 37.70 -17.54
N THR B 136 -5.54 36.84 -16.60
CA THR B 136 -6.28 35.62 -16.90
C THR B 136 -7.71 35.63 -16.36
N GLN B 137 -8.14 36.74 -15.76
CA GLN B 137 -9.51 36.87 -15.23
C GLN B 137 -9.83 35.77 -14.22
N LYS B 138 -8.83 35.41 -13.41
CA LYS B 138 -8.99 34.42 -12.35
C LYS B 138 -8.22 34.88 -11.13
N ALA B 139 -8.08 33.99 -10.15
CA ALA B 139 -7.39 34.31 -8.90
C ALA B 139 -6.69 33.06 -8.36
N THR B 140 -5.47 33.24 -7.89
CA THR B 140 -4.68 32.17 -7.28
C THR B 140 -4.14 32.66 -5.94
N LEU B 141 -4.22 31.80 -4.93
CA LEU B 141 -3.79 32.14 -3.57
C LEU B 141 -2.61 31.28 -3.17
N VAL B 142 -1.60 31.91 -2.58
CA VAL B 142 -0.34 31.26 -2.23
C VAL B 142 -0.26 31.23 -0.70
N CYS B 143 -0.59 30.09 -0.12
CA CYS B 143 -0.40 29.87 1.31
C CYS B 143 1.05 29.57 1.60
N LEU B 144 1.46 29.71 2.86
CA LEU B 144 2.81 29.40 3.30
C LEU B 144 2.78 28.82 4.69
N ALA B 145 3.03 27.52 4.82
CA ALA B 145 3.28 26.87 6.10
C ALA B 145 4.78 26.82 6.27
N THR B 146 5.31 27.62 7.20
CA THR B 146 6.74 27.77 7.40
C THR B 146 7.14 27.36 8.81
N GLY B 147 8.37 26.90 8.94
CA GLY B 147 8.95 26.60 10.24
C GLY B 147 8.31 25.46 11.00
N PHE B 148 8.05 24.34 10.34
CA PHE B 148 7.51 23.15 10.98
C PHE B 148 8.44 21.97 10.72
N TYR B 149 8.63 21.13 11.73
CA TYR B 149 9.41 19.92 11.59
C TYR B 149 8.94 18.90 12.62
N PRO B 150 8.80 17.62 12.24
CA PRO B 150 8.91 17.15 10.86
C PRO B 150 7.68 17.45 10.02
N ASP B 151 7.77 17.18 8.72
CA ASP B 151 6.70 17.53 7.78
C ASP B 151 5.54 16.54 7.83
N HIS B 152 4.97 16.34 9.02
CA HIS B 152 3.75 15.55 9.16
C HIS B 152 2.51 16.43 9.10
N VAL B 153 2.40 17.21 8.03
CA VAL B 153 1.34 18.20 7.88
C VAL B 153 0.35 17.71 6.84
N GLU B 154 -0.94 17.81 7.16
CA GLU B 154 -2.02 17.55 6.22
C GLU B 154 -2.57 18.89 5.77
N LEU B 155 -1.90 19.52 4.81
CA LEU B 155 -2.32 20.81 4.30
C LEU B 155 -3.52 20.60 3.40
N SER B 156 -4.71 20.78 3.96
CA SER B 156 -5.96 20.62 3.23
C SER B 156 -6.64 21.98 3.12
N TRP B 157 -6.99 22.37 1.90
CA TRP B 157 -7.73 23.60 1.67
C TRP B 157 -9.21 23.33 1.93
N TRP B 158 -9.83 24.18 2.74
CA TRP B 158 -11.25 24.05 3.06
C TRP B 158 -11.95 25.32 2.59
N VAL B 159 -12.49 25.26 1.38
CA VAL B 159 -13.22 26.39 0.79
C VAL B 159 -14.67 26.28 1.23
N ASN B 160 -15.19 27.36 1.83
CA ASN B 160 -16.49 27.35 2.49
C ASN B 160 -16.57 26.25 3.54
N GLY B 161 -15.47 26.04 4.26
CA GLY B 161 -15.45 25.16 5.41
C GLY B 161 -15.42 23.68 5.10
N LYS B 162 -15.26 23.28 3.85
CA LYS B 162 -15.25 21.87 3.47
C LYS B 162 -14.07 21.58 2.57
N GLU B 163 -13.52 20.38 2.69
CA GLU B 163 -12.36 19.98 1.91
C GLU B 163 -12.69 19.97 0.43
N VAL B 164 -11.81 20.54 -0.38
CA VAL B 164 -12.00 20.66 -1.82
C VAL B 164 -10.79 20.08 -2.53
N HIS B 165 -11.04 19.25 -3.55
CA HIS B 165 -9.98 18.75 -4.42
C HIS B 165 -9.95 19.46 -5.77
N SER B 166 -10.86 20.40 -6.01
CA SER B 166 -10.93 21.12 -7.27
C SER B 166 -10.34 22.52 -7.09
N GLY B 167 -9.32 22.83 -7.88
CA GLY B 167 -8.63 24.10 -7.78
C GLY B 167 -7.46 24.11 -6.83
N VAL B 168 -7.28 23.08 -6.03
CA VAL B 168 -6.21 23.01 -5.05
C VAL B 168 -5.02 22.30 -5.67
N CYS B 169 -3.84 22.89 -5.53
CA CYS B 169 -2.60 22.25 -5.97
C CYS B 169 -1.55 22.56 -4.91
N THR B 170 -1.41 21.67 -3.93
CA THR B 170 -0.47 21.83 -2.84
C THR B 170 0.82 21.09 -3.16
N ASP B 171 1.95 21.71 -2.82
CA ASP B 171 3.30 21.20 -3.10
C ASP B 171 3.39 19.71 -2.82
N PRO B 172 3.88 18.92 -3.78
CA PRO B 172 4.18 17.51 -3.46
C PRO B 172 5.24 17.37 -2.37
N GLN B 173 6.18 18.31 -2.30
CA GLN B 173 7.24 18.27 -1.31
C GLN B 173 7.56 19.67 -0.80
N PRO B 174 7.47 19.91 0.51
CA PRO B 174 7.95 21.18 1.05
C PRO B 174 9.46 21.32 0.87
N LEU B 175 9.90 22.57 0.71
CA LEU B 175 11.32 22.86 0.54
C LEU B 175 11.96 23.16 1.88
N LYS B 176 13.20 22.70 2.04
CA LYS B 176 13.93 22.90 3.29
C LYS B 176 14.43 24.34 3.38
N GLU B 177 14.08 25.02 4.48
CA GLU B 177 14.57 26.38 4.70
C GLU B 177 16.08 26.40 4.82
N GLN B 178 16.65 25.43 5.53
CA GLN B 178 18.08 25.38 5.81
C GLN B 178 18.55 23.94 5.63
N PRO B 179 19.09 23.57 4.47
CA PRO B 179 19.47 22.19 4.21
C PRO B 179 20.85 21.78 4.70
N ALA B 180 21.55 22.64 5.46
CA ALA B 180 22.91 22.30 5.88
C ALA B 180 22.90 21.18 6.93
N LEU B 181 21.98 21.25 7.89
CA LEU B 181 21.94 20.29 8.97
C LEU B 181 21.03 19.11 8.61
N ASN B 182 21.13 18.05 9.41
CA ASN B 182 20.30 16.87 9.19
C ASN B 182 18.82 17.19 9.37
N ASP B 183 18.48 18.00 10.37
CA ASP B 183 17.10 18.42 10.57
C ASP B 183 16.76 19.56 9.61
N SER B 184 15.60 20.18 9.80
CA SER B 184 15.23 21.31 8.95
C SER B 184 14.12 22.12 9.59
N ARG B 185 13.63 23.13 8.86
CA ARG B 185 12.49 23.92 9.28
C ARG B 185 11.54 24.13 8.12
N TYR B 186 11.16 23.03 7.45
CA TYR B 186 10.48 23.05 6.15
C TYR B 186 9.47 24.17 6.02
N ALA B 187 9.50 24.88 4.89
CA ALA B 187 8.52 25.90 4.58
C ALA B 187 7.68 25.45 3.40
N LEU B 188 6.39 25.19 3.67
CA LEU B 188 5.47 24.66 2.69
C LEU B 188 4.77 25.81 1.96
N SER B 189 4.06 25.48 0.89
CA SER B 189 3.27 26.45 0.15
C SER B 189 2.15 25.74 -0.59
N SER B 190 1.12 26.47 -0.98
CA SER B 190 0.00 25.85 -1.67
C SER B 190 -0.65 26.88 -2.58
N ARG B 191 -1.14 26.39 -3.72
CA ARG B 191 -1.81 27.22 -4.72
C ARG B 191 -3.25 26.75 -4.84
N LEU B 192 -4.19 27.62 -4.48
CA LEU B 192 -5.61 27.39 -4.68
C LEU B 192 -6.10 28.40 -5.70
N ARG B 193 -6.48 27.92 -6.88
CA ARG B 193 -6.96 28.78 -7.95
C ARG B 193 -8.46 28.62 -8.10
N VAL B 194 -9.16 29.75 -8.18
CA VAL B 194 -10.60 29.80 -8.34
C VAL B 194 -10.91 30.72 -9.51
N SER B 195 -12.20 30.99 -9.71
CA SER B 195 -12.65 31.86 -10.79
C SER B 195 -12.00 33.24 -10.72
N PRO B 202 -16.65 38.52 -1.82
CA PRO B 202 -15.61 38.19 -0.84
C PRO B 202 -16.11 37.24 0.24
N ARG B 203 -17.23 36.56 -0.04
CA ARG B 203 -17.85 35.66 0.94
C ARG B 203 -17.20 34.29 0.96
N ASN B 204 -16.26 34.01 0.07
CA ASN B 204 -15.53 32.76 0.11
C ASN B 204 -14.57 32.76 1.29
N HIS B 205 -14.16 31.56 1.70
CA HIS B 205 -13.36 31.40 2.91
C HIS B 205 -12.17 30.48 2.66
N PHE B 206 -11.40 30.73 1.60
CA PHE B 206 -10.20 29.95 1.31
C PHE B 206 -9.32 29.88 2.55
N ARG B 207 -9.19 28.69 3.14
CA ARG B 207 -8.48 28.51 4.40
C ARG B 207 -7.43 27.43 4.22
N CYS B 208 -6.19 27.77 4.52
CA CYS B 208 -5.06 26.86 4.39
C CYS B 208 -4.83 26.18 5.74
N GLN B 209 -5.62 25.16 6.02
CA GLN B 209 -5.49 24.42 7.27
C GLN B 209 -4.29 23.50 7.18
N VAL B 210 -3.28 23.76 8.01
CA VAL B 210 -2.10 22.92 8.09
C VAL B 210 -2.17 22.19 9.42
N GLN B 211 -2.78 21.01 9.40
CA GLN B 211 -2.97 20.21 10.61
C GLN B 211 -1.63 19.57 10.97
N PHE B 212 -0.99 20.12 12.00
CA PHE B 212 0.31 19.60 12.43
C PHE B 212 0.09 18.48 13.43
N TYR B 213 0.69 17.31 13.14
CA TYR B 213 0.58 16.14 14.00
C TYR B 213 1.85 16.05 14.84
N GLY B 214 1.90 16.90 15.87
CA GLY B 214 3.13 17.11 16.62
C GLY B 214 3.45 16.09 17.69
N LEU B 215 3.76 16.57 18.89
CA LEU B 215 4.23 15.73 19.98
C LEU B 215 3.06 15.16 20.77
N SER B 216 3.32 14.05 21.46
CA SER B 216 2.33 13.38 22.28
C SER B 216 2.52 13.74 23.76
N GLU B 217 1.56 13.30 24.58
CA GLU B 217 1.59 13.61 26.00
C GLU B 217 2.60 12.76 26.76
N ASN B 218 2.91 11.56 26.26
CA ASN B 218 3.83 10.67 26.99
C ASN B 218 5.23 11.26 27.06
N ASP B 219 5.70 11.89 25.98
CA ASP B 219 7.07 12.36 25.90
C ASP B 219 7.28 13.51 26.89
N GLU B 220 8.11 13.27 27.90
CA GLU B 220 8.46 14.33 28.83
C GLU B 220 9.35 15.36 28.14
N TRP B 221 9.24 16.61 28.59
CA TRP B 221 9.86 17.74 27.91
C TRP B 221 10.62 18.57 28.92
N THR B 222 11.85 18.94 28.58
CA THR B 222 12.69 19.73 29.47
C THR B 222 13.14 21.06 28.89
N GLN B 223 12.87 21.33 27.61
CA GLN B 223 13.29 22.58 27.00
C GLN B 223 12.39 23.72 27.45
N ASP B 224 12.90 24.94 27.31
CA ASP B 224 12.27 26.11 27.95
C ASP B 224 11.00 26.54 27.24
N ARG B 225 10.98 26.49 25.91
CA ARG B 225 9.91 27.14 25.15
C ARG B 225 8.61 26.34 25.26
N ALA B 226 7.60 26.79 24.52
CA ALA B 226 6.28 26.18 24.56
C ALA B 226 6.29 24.79 23.92
N LYS B 227 5.24 24.03 24.19
CA LYS B 227 5.16 22.64 23.75
C LYS B 227 4.24 22.54 22.54
N PRO B 228 4.77 22.22 21.36
CA PRO B 228 3.93 22.07 20.14
C PRO B 228 3.39 20.66 19.91
N VAL B 229 2.37 20.30 20.67
CA VAL B 229 1.66 19.04 20.49
C VAL B 229 0.83 19.13 19.21
N THR B 230 0.27 17.99 18.78
CA THR B 230 -0.62 17.98 17.62
C THR B 230 -1.70 19.04 17.75
N GLN B 231 -1.84 19.87 16.72
CA GLN B 231 -2.68 21.05 16.81
C GLN B 231 -3.13 21.46 15.42
N ILE B 232 -3.93 22.52 15.37
CA ILE B 232 -4.45 23.07 14.13
C ILE B 232 -3.92 24.49 13.97
N VAL B 233 -3.24 24.77 12.87
CA VAL B 233 -2.75 26.10 12.54
C VAL B 233 -3.44 26.53 11.26
N SER B 234 -4.47 27.37 11.38
CA SER B 234 -5.33 27.76 10.26
C SER B 234 -5.01 29.18 9.82
N ALA B 235 -4.79 29.34 8.51
CA ALA B 235 -4.63 30.65 7.90
C ALA B 235 -5.71 30.85 6.85
N GLU B 236 -6.42 31.96 6.95
CA GLU B 236 -7.58 32.23 6.10
C GLU B 236 -7.39 33.55 5.37
N ALA B 237 -8.06 33.67 4.23
CA ALA B 237 -8.04 34.90 3.44
C ALA B 237 -9.46 35.29 3.03
N HIS C 1 5.19 -41.45 -3.72
CA HIS C 1 5.49 -40.44 -2.71
C HIS C 1 4.48 -39.30 -2.77
N SER C 2 3.47 -39.38 -1.91
CA SER C 2 2.37 -38.43 -1.86
C SER C 2 2.53 -37.48 -0.68
N MET C 3 1.57 -36.57 -0.55
CA MET C 3 1.46 -35.67 0.59
C MET C 3 0.00 -35.34 0.78
N ARG C 4 -0.64 -35.99 1.76
CA ARG C 4 -2.06 -35.83 1.99
C ARG C 4 -2.29 -35.16 3.33
N TYR C 5 -3.35 -34.38 3.42
CA TYR C 5 -3.70 -33.68 4.64
C TYR C 5 -5.19 -33.87 4.92
N PHE C 6 -5.52 -34.96 5.60
CA PHE C 6 -6.89 -35.23 6.02
C PHE C 6 -7.26 -34.34 7.20
N PHE C 7 -8.05 -33.31 6.95
CA PHE C 7 -8.36 -32.29 7.95
C PHE C 7 -9.76 -32.56 8.52
N THR C 8 -9.80 -33.41 9.53
CA THR C 8 -11.06 -33.75 10.18
C THR C 8 -11.52 -32.60 11.09
N SER C 9 -12.69 -32.04 10.79
CA SER C 9 -13.22 -30.91 11.55
C SER C 9 -14.65 -31.25 11.99
N VAL C 10 -14.79 -31.73 13.21
CA VAL C 10 -16.09 -32.06 13.80
C VAL C 10 -16.54 -30.88 14.63
N SER C 11 -17.79 -30.44 14.40
CA SER C 11 -18.29 -29.25 15.07
C SER C 11 -18.40 -29.42 16.57
N ARG C 12 -18.70 -30.64 17.04
CA ARG C 12 -18.88 -30.96 18.46
C ARG C 12 -19.74 -29.89 19.15
N PRO C 13 -21.04 -29.84 18.84
CA PRO C 13 -21.90 -28.80 19.41
C PRO C 13 -22.08 -28.94 20.91
N GLY C 14 -22.73 -27.97 21.54
CA GLY C 14 -22.91 -28.04 22.97
C GLY C 14 -21.75 -27.42 23.71
N ARG C 15 -20.79 -28.27 24.09
CA ARG C 15 -19.63 -27.85 24.86
C ARG C 15 -19.01 -26.56 24.35
N GLY C 16 -18.90 -26.41 23.03
CA GLY C 16 -18.41 -25.14 22.50
C GLY C 16 -17.79 -25.20 21.12
N GLU C 17 -16.59 -24.65 21.00
CA GLU C 17 -15.87 -24.44 19.74
C GLU C 17 -15.60 -25.78 19.07
N PRO C 18 -15.58 -25.85 17.73
CA PRO C 18 -15.39 -27.12 17.05
C PRO C 18 -14.10 -27.83 17.43
N ARG C 19 -14.18 -29.15 17.50
CA ARG C 19 -13.05 -30.01 17.85
C ARG C 19 -12.38 -30.46 16.57
N PHE C 20 -11.11 -30.08 16.38
CA PHE C 20 -10.44 -30.19 15.10
C PHE C 20 -9.31 -31.19 15.16
N ILE C 21 -9.21 -32.03 14.14
CA ILE C 21 -8.12 -33.00 13.97
C ILE C 21 -7.47 -32.74 12.63
N ALA C 22 -6.14 -32.70 12.62
CA ALA C 22 -5.40 -32.31 11.42
C ALA C 22 -4.37 -33.35 11.02
N VAL C 23 -4.77 -34.63 11.00
CA VAL C 23 -3.82 -35.68 10.65
C VAL C 23 -3.42 -35.53 9.19
N GLY C 24 -2.13 -35.28 8.96
CA GLY C 24 -1.61 -35.19 7.61
C GLY C 24 -0.79 -36.41 7.27
N TYR C 25 -0.58 -36.68 5.99
CA TYR C 25 0.12 -37.90 5.59
C TYR C 25 1.08 -37.61 4.46
N VAL C 26 2.18 -38.36 4.44
CA VAL C 26 3.20 -38.24 3.41
C VAL C 26 3.04 -39.37 2.39
N PHE C 31 1.89 -38.28 10.24
CA PHE C 31 2.91 -37.25 10.02
C PHE C 31 2.80 -36.20 11.11
N VAL C 32 1.66 -35.52 11.16
CA VAL C 32 1.40 -34.48 12.16
C VAL C 32 -0.03 -34.63 12.66
N ARG C 33 -0.32 -34.05 13.83
CA ARG C 33 -1.66 -34.16 14.40
C ARG C 33 -2.02 -32.97 15.28
N PHE C 34 -2.86 -32.08 14.76
CA PHE C 34 -3.32 -30.94 15.54
C PHE C 34 -4.68 -31.19 16.19
N ASP C 35 -4.71 -31.99 17.25
CA ASP C 35 -5.93 -32.12 18.04
C ASP C 35 -6.16 -30.82 18.81
N SER C 36 -7.24 -30.12 18.48
CA SER C 36 -7.53 -28.84 19.10
C SER C 36 -8.11 -29.04 20.50
N ASP C 37 -8.25 -30.30 20.92
CA ASP C 37 -8.65 -30.60 22.29
C ASP C 37 -7.58 -31.39 23.03
N ALA C 38 -6.33 -31.32 22.58
CA ALA C 38 -5.21 -31.99 23.22
C ALA C 38 -4.66 -31.05 24.31
N ALA C 39 -3.54 -31.36 24.96
CA ALA C 39 -3.02 -30.50 26.02
C ALA C 39 -1.97 -29.55 25.50
N SER C 40 -1.24 -29.95 24.45
CA SER C 40 -0.15 -29.13 23.93
C SER C 40 -0.62 -27.81 23.36
N GLN C 41 -1.74 -27.81 22.63
CA GLN C 41 -2.22 -26.63 21.91
C GLN C 41 -1.14 -26.07 20.99
N LYS C 42 -0.19 -26.92 20.64
CA LYS C 42 0.85 -26.62 19.67
C LYS C 42 0.87 -27.77 18.67
N MET C 43 1.64 -27.60 17.60
CA MET C 43 1.61 -28.62 16.57
C MET C 43 2.42 -29.84 16.97
N GLU C 44 1.83 -30.69 17.80
CA GLU C 44 2.52 -31.89 18.25
C GLU C 44 2.75 -32.83 17.06
N PRO C 45 3.98 -33.31 16.86
CA PRO C 45 4.27 -34.18 15.72
C PRO C 45 3.91 -35.63 16.01
N ARG C 46 3.55 -36.37 14.98
CA ARG C 46 3.31 -37.81 15.07
C ARG C 46 4.19 -38.60 14.11
N ALA C 47 5.32 -38.04 13.68
CA ALA C 47 6.19 -38.72 12.74
C ALA C 47 7.62 -38.69 13.28
N PRO C 48 8.39 -39.75 13.07
CA PRO C 48 9.80 -39.75 13.50
C PRO C 48 10.62 -38.69 12.78
N TRP C 49 10.60 -38.73 11.44
CA TRP C 49 11.46 -37.88 10.64
C TRP C 49 10.81 -36.53 10.34
N ILE C 50 10.38 -35.84 11.40
CA ILE C 50 9.94 -34.45 11.31
C ILE C 50 10.58 -33.66 12.43
N GLU C 51 11.16 -34.37 13.40
CA GLU C 51 11.83 -33.70 14.52
C GLU C 51 13.05 -32.93 14.06
N GLN C 52 13.58 -33.29 12.89
CA GLN C 52 14.81 -32.70 12.38
C GLN C 52 14.58 -31.29 11.85
N GLU C 53 13.33 -30.82 11.87
CA GLU C 53 12.99 -29.48 11.45
C GLU C 53 12.75 -28.62 12.69
N GLY C 54 13.43 -27.49 12.77
CA GLY C 54 13.53 -26.73 14.00
C GLY C 54 12.54 -25.59 14.11
N PRO C 55 12.85 -24.63 14.99
CA PRO C 55 11.88 -23.55 15.28
C PRO C 55 11.49 -22.73 14.07
N GLU C 56 12.24 -22.82 12.97
CA GLU C 56 11.81 -22.18 11.73
C GLU C 56 10.68 -22.93 11.05
N TYR C 57 10.37 -24.15 11.50
CA TYR C 57 9.28 -24.95 10.98
C TYR C 57 8.18 -25.18 12.00
N TRP C 58 8.53 -25.51 13.25
CA TRP C 58 7.53 -25.83 14.25
C TRP C 58 6.58 -24.67 14.51
N ASP C 59 7.14 -23.49 14.81
CA ASP C 59 6.30 -22.33 15.05
C ASP C 59 5.54 -21.92 13.80
N GLN C 60 6.21 -21.94 12.64
CA GLN C 60 5.56 -21.56 11.39
C GLN C 60 4.34 -22.43 11.12
N GLU C 61 4.52 -23.75 11.19
CA GLU C 61 3.43 -24.66 10.90
C GLU C 61 2.35 -24.62 11.98
N THR C 62 2.78 -24.47 13.23
CA THR C 62 1.85 -24.38 14.35
C THR C 62 0.90 -23.21 14.16
N ARG C 63 1.44 -22.03 13.87
CA ARG C 63 0.61 -20.87 13.62
C ARG C 63 -0.18 -21.01 12.33
N ASN C 64 0.42 -21.65 11.31
CA ASN C 64 -0.29 -21.85 10.05
C ASN C 64 -1.57 -22.63 10.26
N MET C 65 -1.51 -23.74 10.97
CA MET C 65 -2.76 -24.46 11.13
C MET C 65 -3.56 -24.04 12.35
N LYS C 66 -3.02 -23.19 13.23
CA LYS C 66 -3.91 -22.42 14.09
C LYS C 66 -4.81 -21.51 13.26
N ALA C 67 -4.24 -20.89 12.23
CA ALA C 67 -5.05 -20.13 11.27
C ALA C 67 -5.99 -21.04 10.51
N HIS C 68 -5.51 -22.22 10.11
CA HIS C 68 -6.35 -23.17 9.38
C HIS C 68 -7.51 -23.67 10.22
N SER C 69 -7.35 -23.76 11.54
CA SER C 69 -8.45 -24.15 12.40
C SER C 69 -9.60 -23.14 12.31
N GLN C 70 -9.28 -21.86 12.37
CA GLN C 70 -10.31 -20.83 12.20
C GLN C 70 -10.86 -20.83 10.79
N THR C 71 -10.01 -21.13 9.79
CA THR C 71 -10.49 -21.25 8.43
C THR C 71 -11.52 -22.37 8.29
N ASP C 72 -11.25 -23.51 8.93
CA ASP C 72 -12.19 -24.62 8.89
C ASP C 72 -13.45 -24.35 9.69
N ARG C 73 -13.33 -23.61 10.80
CA ARG C 73 -14.51 -23.15 11.50
C ARG C 73 -15.39 -22.30 10.58
N ALA C 74 -14.76 -21.36 9.87
CA ALA C 74 -15.51 -20.50 8.96
C ALA C 74 -16.14 -21.28 7.82
N ASN C 75 -15.41 -22.25 7.25
CA ASN C 75 -15.95 -23.02 6.14
C ASN C 75 -17.05 -23.97 6.59
N LEU C 76 -16.94 -24.50 7.81
CA LEU C 76 -18.01 -25.31 8.38
C LEU C 76 -19.27 -24.47 8.61
N GLY C 77 -19.10 -23.25 9.14
CA GLY C 77 -20.23 -22.34 9.21
C GLY C 77 -20.78 -21.99 7.85
N THR C 78 -19.93 -21.97 6.83
CA THR C 78 -20.38 -21.70 5.46
C THR C 78 -21.24 -22.84 4.94
N LEU C 79 -20.78 -24.08 5.14
CA LEU C 79 -21.58 -25.24 4.74
C LEU C 79 -22.85 -25.39 5.56
N ARG C 80 -22.92 -24.76 6.72
CA ARG C 80 -24.22 -24.58 7.36
C ARG C 80 -25.21 -23.87 6.44
N GLY C 81 -24.71 -23.03 5.55
CA GLY C 81 -25.56 -22.36 4.59
C GLY C 81 -25.65 -23.06 3.24
N TYR C 82 -24.50 -23.52 2.74
CA TYR C 82 -24.42 -24.12 1.40
C TYR C 82 -25.36 -25.31 1.28
N TYR C 83 -25.09 -26.38 2.02
CA TYR C 83 -25.99 -27.53 2.03
C TYR C 83 -27.30 -27.22 2.73
N ASN C 84 -27.34 -26.15 3.52
CA ASN C 84 -28.46 -25.88 4.43
C ASN C 84 -28.73 -27.10 5.30
N GLN C 85 -27.66 -27.72 5.79
CA GLN C 85 -27.75 -28.93 6.58
C GLN C 85 -28.42 -28.64 7.91
N SER C 86 -28.88 -29.71 8.57
CA SER C 86 -29.52 -29.58 9.87
C SER C 86 -28.57 -28.95 10.87
N GLU C 87 -29.04 -27.88 11.51
CA GLU C 87 -28.26 -27.18 12.53
C GLU C 87 -28.35 -27.86 13.88
N ASP C 88 -28.79 -29.12 13.90
CA ASP C 88 -28.91 -29.86 15.15
C ASP C 88 -27.55 -30.13 15.80
N GLY C 89 -26.45 -30.04 15.05
CA GLY C 89 -25.17 -30.30 15.64
C GLY C 89 -24.05 -30.78 14.73
N SER C 90 -23.47 -31.93 15.09
CA SER C 90 -22.21 -32.37 14.50
C SER C 90 -22.30 -32.54 13.00
N HIS C 91 -21.27 -32.05 12.29
CA HIS C 91 -21.15 -32.18 10.84
C HIS C 91 -19.66 -32.08 10.52
N THR C 92 -19.10 -33.15 9.95
CA THR C 92 -17.66 -33.28 9.78
C THR C 92 -17.21 -32.88 8.38
N ILE C 93 -16.11 -32.13 8.33
CA ILE C 93 -15.45 -31.74 7.08
C ILE C 93 -14.21 -32.60 6.91
N GLN C 94 -13.96 -33.04 5.68
CA GLN C 94 -12.80 -33.87 5.38
C GLN C 94 -12.05 -33.25 4.20
N ILE C 95 -11.07 -32.42 4.49
CA ILE C 95 -10.19 -31.88 3.46
C ILE C 95 -9.19 -32.95 3.03
N MET C 96 -8.85 -32.96 1.75
CA MET C 96 -7.95 -34.00 1.26
C MET C 96 -7.03 -33.45 0.18
N TYR C 97 -6.55 -32.22 0.33
CA TYR C 97 -5.67 -31.67 -0.69
C TYR C 97 -4.28 -32.32 -0.60
N GLY C 98 -3.46 -32.01 -1.59
CA GLY C 98 -2.12 -32.53 -1.63
C GLY C 98 -1.66 -32.70 -3.07
N CYS C 99 -0.49 -33.29 -3.21
CA CYS C 99 0.09 -33.50 -4.54
C CYS C 99 1.03 -34.68 -4.49
N ASP C 100 1.15 -35.35 -5.63
CA ASP C 100 2.13 -36.41 -5.82
C ASP C 100 3.37 -35.83 -6.50
N VAL C 101 4.49 -36.53 -6.33
CA VAL C 101 5.71 -36.17 -7.02
C VAL C 101 6.35 -37.46 -7.53
N GLY C 102 7.11 -37.34 -8.61
CA GLY C 102 7.90 -38.45 -9.08
C GLY C 102 9.07 -38.68 -8.16
N PRO C 103 9.79 -39.78 -8.37
CA PRO C 103 11.02 -40.01 -7.58
C PRO C 103 12.02 -38.88 -7.76
N ASP C 104 11.94 -38.20 -8.91
CA ASP C 104 12.73 -36.99 -9.12
C ASP C 104 12.33 -35.85 -8.20
N GLY C 105 11.13 -35.91 -7.61
CA GLY C 105 10.68 -34.88 -6.72
C GLY C 105 10.01 -33.69 -7.39
N ARG C 106 9.71 -33.78 -8.68
CA ARG C 106 9.00 -32.74 -9.40
C ARG C 106 7.50 -33.01 -9.34
N PHE C 107 6.72 -31.97 -9.62
CA PHE C 107 5.27 -32.05 -9.52
C PHE C 107 4.68 -33.01 -10.54
N LEU C 108 4.21 -34.17 -10.09
CA LEU C 108 3.57 -35.13 -10.99
C LEU C 108 2.12 -34.72 -11.26
N ARG C 109 1.30 -34.69 -10.21
CA ARG C 109 -0.09 -34.28 -10.33
C ARG C 109 -0.58 -33.86 -8.96
N GLY C 110 -1.58 -32.99 -8.95
CA GLY C 110 -2.15 -32.49 -7.72
C GLY C 110 -3.61 -32.86 -7.60
N TYR C 111 -4.07 -32.88 -6.35
CA TYR C 111 -5.42 -33.33 -6.04
C TYR C 111 -5.91 -32.60 -4.80
N ARG C 112 -6.98 -31.81 -4.96
CA ARG C 112 -7.66 -31.17 -3.84
C ARG C 112 -9.14 -31.49 -3.99
N GLN C 113 -9.55 -32.63 -3.46
CA GLN C 113 -10.95 -33.03 -3.44
C GLN C 113 -11.50 -32.88 -2.02
N ASP C 114 -12.66 -32.25 -1.93
CA ASP C 114 -13.28 -31.95 -0.64
C ASP C 114 -14.32 -33.00 -0.33
N ALA C 115 -14.55 -33.24 0.96
CA ALA C 115 -15.45 -34.31 1.41
C ALA C 115 -16.18 -33.81 2.65
N TYR C 116 -17.45 -33.46 2.47
CA TYR C 116 -18.31 -33.07 3.58
C TYR C 116 -19.26 -34.21 3.89
N ASP C 117 -19.19 -34.72 5.12
CA ASP C 117 -20.03 -35.82 5.59
C ASP C 117 -19.81 -37.09 4.75
N GLY C 118 -18.53 -37.42 4.54
CA GLY C 118 -18.19 -38.66 3.88
C GLY C 118 -18.25 -38.63 2.37
N LYS C 119 -19.25 -37.94 1.83
CA LYS C 119 -19.46 -37.92 0.38
C LYS C 119 -18.49 -36.96 -0.28
N ASP C 120 -18.72 -36.66 -1.55
CA ASP C 120 -17.80 -35.85 -2.35
C ASP C 120 -18.21 -34.38 -2.35
N TYR C 121 -17.25 -33.54 -2.72
CA TYR C 121 -17.44 -32.11 -2.85
C TYR C 121 -16.50 -31.64 -3.96
N ILE C 122 -16.19 -30.34 -3.99
CA ILE C 122 -15.31 -29.82 -5.02
C ILE C 122 -14.01 -30.62 -5.06
N ALA C 123 -13.56 -30.93 -6.28
CA ALA C 123 -12.41 -31.78 -6.50
C ALA C 123 -11.53 -31.20 -7.59
N LEU C 124 -10.22 -31.22 -7.38
CA LEU C 124 -9.28 -30.69 -8.36
C LEU C 124 -8.88 -31.78 -9.34
N ASN C 125 -8.62 -31.37 -10.59
CA ASN C 125 -8.36 -32.31 -11.67
C ASN C 125 -6.86 -32.52 -11.88
N GLU C 126 -6.54 -33.26 -12.93
CA GLU C 126 -5.15 -33.50 -13.32
C GLU C 126 -4.51 -32.28 -13.95
N ASP C 127 -5.31 -31.40 -14.56
CA ASP C 127 -4.76 -30.20 -15.19
C ASP C 127 -4.28 -29.18 -14.15
N LEU C 128 -4.83 -29.24 -12.94
CA LEU C 128 -4.49 -28.35 -11.83
C LEU C 128 -4.89 -26.90 -12.09
N ARG C 129 -5.84 -26.68 -12.99
CA ARG C 129 -6.31 -25.33 -13.27
C ARG C 129 -7.83 -25.28 -13.16
N SER C 130 -8.49 -26.40 -13.39
CA SER C 130 -9.94 -26.49 -13.32
C SER C 130 -10.33 -27.58 -12.32
N TRP C 131 -11.27 -27.27 -11.45
CA TRP C 131 -11.75 -28.23 -10.45
C TRP C 131 -12.77 -29.16 -11.10
N THR C 132 -13.45 -29.95 -10.28
CA THR C 132 -14.59 -30.75 -10.72
C THR C 132 -15.59 -30.81 -9.57
N ALA C 133 -16.74 -30.17 -9.77
CA ALA C 133 -17.75 -30.10 -8.74
C ALA C 133 -18.43 -31.46 -8.54
N ALA C 134 -19.26 -31.54 -7.52
CA ALA C 134 -19.96 -32.78 -7.19
C ALA C 134 -21.45 -32.62 -6.96
N ASP C 135 -21.94 -31.44 -6.63
CA ASP C 135 -23.37 -31.23 -6.41
C ASP C 135 -23.68 -29.75 -6.59
N MET C 136 -24.93 -29.38 -6.29
CA MET C 136 -25.39 -28.02 -6.55
C MET C 136 -24.62 -27.00 -5.72
N ALA C 137 -24.29 -27.33 -4.47
CA ALA C 137 -23.57 -26.38 -3.62
C ALA C 137 -22.11 -26.26 -4.00
N ALA C 138 -21.53 -27.30 -4.62
CA ALA C 138 -20.12 -27.25 -5.00
C ALA C 138 -19.85 -26.20 -6.06
N GLN C 139 -20.82 -25.92 -6.93
CA GLN C 139 -20.62 -24.93 -7.99
C GLN C 139 -20.42 -23.54 -7.41
N ILE C 140 -21.01 -23.25 -6.25
CA ILE C 140 -20.77 -21.98 -5.59
C ILE C 140 -19.30 -21.87 -5.20
N THR C 141 -18.72 -22.95 -4.69
CA THR C 141 -17.30 -22.98 -4.38
C THR C 141 -16.46 -22.85 -5.65
N LYS C 142 -16.90 -23.49 -6.73
CA LYS C 142 -16.27 -23.30 -8.04
C LYS C 142 -16.19 -21.82 -8.41
N ARG C 143 -17.29 -21.10 -8.23
CA ARG C 143 -17.31 -19.69 -8.64
C ARG C 143 -16.19 -18.91 -7.97
N LYS C 144 -16.08 -19.01 -6.65
CA LYS C 144 -15.09 -18.21 -5.93
C LYS C 144 -13.67 -18.77 -6.06
N TRP C 145 -13.50 -20.08 -6.21
CA TRP C 145 -12.16 -20.64 -6.35
C TRP C 145 -11.65 -20.60 -7.78
N GLU C 146 -12.47 -20.19 -8.74
CA GLU C 146 -11.99 -19.87 -10.08
C GLU C 146 -11.95 -18.37 -10.34
N ALA C 147 -12.71 -17.57 -9.58
CA ALA C 147 -12.71 -16.13 -9.79
C ALA C 147 -11.43 -15.47 -9.26
N VAL C 148 -10.97 -15.89 -8.08
CA VAL C 148 -9.84 -15.22 -7.44
C VAL C 148 -8.54 -15.89 -7.86
N HIS C 149 -8.61 -16.74 -8.89
CA HIS C 149 -7.47 -17.50 -9.37
C HIS C 149 -6.84 -18.32 -8.25
N ALA C 150 -7.68 -18.80 -7.33
CA ALA C 150 -7.20 -19.69 -6.28
C ALA C 150 -6.63 -20.97 -6.86
N ALA C 151 -7.06 -21.34 -8.07
CA ALA C 151 -6.49 -22.51 -8.73
C ALA C 151 -5.00 -22.32 -8.97
N GLU C 152 -4.59 -21.14 -9.43
CA GLU C 152 -3.18 -20.86 -9.68
C GLU C 152 -2.37 -20.92 -8.39
N GLN C 153 -2.90 -20.36 -7.30
CA GLN C 153 -2.17 -20.34 -6.05
C GLN C 153 -2.06 -21.72 -5.44
N ARG C 154 -3.15 -22.50 -5.48
CA ARG C 154 -3.04 -23.87 -5.00
C ARG C 154 -2.15 -24.70 -5.92
N ARG C 155 -2.07 -24.33 -7.19
CA ARG C 155 -1.12 -24.98 -8.09
C ARG C 155 0.31 -24.72 -7.64
N VAL C 156 0.66 -23.44 -7.43
CA VAL C 156 2.02 -23.10 -7.07
C VAL C 156 2.36 -23.48 -5.65
N TYR C 157 1.36 -23.80 -4.82
CA TYR C 157 1.65 -24.54 -3.60
C TYR C 157 1.91 -26.00 -3.91
N LEU C 158 1.03 -26.62 -4.70
CA LEU C 158 1.26 -27.99 -5.15
C LEU C 158 2.51 -28.07 -6.01
N GLU C 159 2.80 -27.00 -6.76
CA GLU C 159 4.14 -26.81 -7.34
C GLU C 159 4.94 -25.86 -6.46
N GLY C 160 5.17 -26.28 -5.23
CA GLY C 160 5.67 -25.39 -4.19
C GLY C 160 5.89 -26.10 -2.88
N ARG C 161 5.36 -25.54 -1.78
CA ARG C 161 5.55 -26.15 -0.47
C ARG C 161 5.06 -27.59 -0.42
N CYS C 162 4.11 -27.97 -1.30
CA CYS C 162 3.87 -29.39 -1.50
C CYS C 162 5.11 -30.05 -2.12
N VAL C 163 5.51 -29.58 -3.30
CA VAL C 163 6.70 -30.14 -3.96
C VAL C 163 7.94 -29.90 -3.11
N ASP C 164 8.16 -28.67 -2.65
CA ASP C 164 9.38 -28.37 -1.91
C ASP C 164 9.39 -29.05 -0.55
N GLY C 165 8.25 -29.06 0.14
CA GLY C 165 8.18 -29.74 1.43
C GLY C 165 8.36 -31.23 1.29
N LEU C 166 7.81 -31.83 0.24
CA LEU C 166 8.02 -33.25 0.02
C LEU C 166 9.44 -33.54 -0.45
N ARG C 167 10.07 -32.57 -1.12
CA ARG C 167 11.50 -32.67 -1.41
C ARG C 167 12.31 -32.75 -0.12
N ARG C 168 12.03 -31.84 0.81
CA ARG C 168 12.71 -31.86 2.09
C ARG C 168 12.39 -33.13 2.87
N TYR C 169 11.16 -33.63 2.72
CA TYR C 169 10.75 -34.85 3.40
C TYR C 169 11.51 -36.06 2.87
N LEU C 170 11.66 -36.15 1.55
CA LEU C 170 12.49 -37.19 0.96
C LEU C 170 13.95 -37.02 1.34
N GLU C 171 14.38 -35.77 1.55
CA GLU C 171 15.75 -35.51 2.00
C GLU C 171 15.92 -35.89 3.47
N ASN C 172 14.83 -35.94 4.23
CA ASN C 172 14.89 -36.28 5.65
C ASN C 172 15.56 -37.63 5.85
N GLY C 173 15.31 -38.57 4.95
CA GLY C 173 16.15 -39.75 4.88
C GLY C 173 17.55 -39.32 4.53
N LYS C 174 18.46 -39.39 5.52
CA LYS C 174 19.80 -38.87 5.35
C LYS C 174 20.58 -39.64 4.29
N PHE D 1 4.08 -28.65 3.04
CA PHE D 1 4.03 -28.45 4.48
C PHE D 1 2.84 -27.59 4.89
N THR D 2 1.63 -28.15 4.75
CA THR D 2 0.39 -27.51 5.19
C THR D 2 0.31 -26.07 4.71
N SER D 3 0.08 -25.88 3.40
CA SER D 3 0.07 -24.58 2.76
C SER D 3 -0.54 -23.47 3.61
N ASP D 4 0.20 -22.37 3.78
CA ASP D 4 -0.34 -21.22 4.46
C ASP D 4 -1.43 -20.54 3.65
N TYR D 5 -1.79 -21.10 2.49
CA TYR D 5 -2.95 -20.66 1.73
C TYR D 5 -4.10 -21.62 2.03
N TYR D 6 -4.79 -21.37 3.13
CA TYR D 6 -5.99 -22.12 3.49
C TYR D 6 -7.18 -21.40 2.89
N GLN D 7 -7.59 -21.84 1.70
CA GLN D 7 -8.65 -21.18 0.95
C GLN D 7 -10.01 -21.54 1.54
N LEU D 8 -10.88 -20.55 1.62
CA LEU D 8 -12.19 -20.71 2.25
C LEU D 8 -13.21 -21.22 1.25
N TYR D 9 -14.23 -21.89 1.79
CA TYR D 9 -15.32 -22.42 0.97
C TYR D 9 -16.15 -21.29 0.38
#